data_8Y4F
#
_entry.id   8Y4F
#
_cell.length_a   53.631
_cell.length_b   77.028
_cell.length_c   77.600
_cell.angle_alpha   90.000
_cell.angle_beta   91.335
_cell.angle_gamma   90.000
#
_symmetry.space_group_name_H-M   'P 1 21 1'
#
loop_
_entity.id
_entity.type
_entity.pdbx_description
1 polymer '3C-like proteinase'
2 non-polymer ~{N}-[(2~{S})-3-cyclohexyl-1-oxidanylidene-1-[[(2~{S})-1-oxidanylidene-3-[(3~{S})-2-oxidanylidenepyrrolidin-3-yl]propan-2-yl]amino]propan-2-yl]-1~{H}-indole-2-carboxamide
3 water water
#
_entity_poly.entity_id   1
_entity_poly.type   'polypeptide(L)'
_entity_poly.pdbx_seq_one_letter_code
;LRKMAQPSGFVEKCVVRVCYGNTVLNGLWLGDIVYCPRHVIASNTTSAIDYDHEYSIMRLHNFSIISGTAFLGVVGATMH
GVTLKIKVSQTNMHTPRHSFRTLKSGEGFNILACYDGCAQGVFGVNMRTNWTIRGSFINGACGSPGYNLKNGEVEFVYMH
QIELGSGSHVGSSFDGVMYGGFEDQPNLQVESANQMLTVNVVAFLYAAILNGCTWWLKGEKLFVEHYNEWAQANGFTAMN
GEDAFSILAAKTGVCVERLLHAIQVLNNGFGGKQILGYSSLNDEFSINEVVKQMFGVN
;
_entity_poly.pdbx_strand_id   A,B
#
loop_
_chem_comp.id
_chem_comp.type
_chem_comp.name
_chem_comp.formula
FHR peptide-like ~{N}-[(2~{S})-3-cyclohexyl-1-oxidanylidene-1-[[(2~{S})-1-oxidanylidene-3-[(3~{S})-2-oxidanylidenepyrrolidin-3-yl]propan-2-yl]amino]propan-2-yl]-1~{H}-indole-2-carboxamide 'C25 H32 N4 O4'
#
# COMPACT_ATOMS: atom_id res chain seq x y z
N LEU A 1 -2.56 12.23 -3.79
CA LEU A 1 -1.26 11.58 -3.61
C LEU A 1 -1.33 10.43 -2.60
N ARG A 2 -1.20 9.19 -3.09
CA ARG A 2 -1.35 7.99 -2.27
C ARG A 2 -0.12 7.10 -2.41
N LYS A 3 0.39 6.61 -1.29
CA LYS A 3 1.56 5.74 -1.33
C LYS A 3 1.13 4.36 -1.81
N MET A 4 1.67 3.92 -2.94
CA MET A 4 1.23 2.68 -3.56
C MET A 4 2.37 1.68 -3.60
N ALA A 5 2.01 0.41 -3.65
CA ALA A 5 2.95 -0.65 -3.99
C ALA A 5 2.84 -0.95 -5.48
N GLN A 6 3.96 -1.34 -6.09
CA GLN A 6 3.88 -1.94 -7.41
C GLN A 6 3.26 -3.33 -7.27
N PRO A 7 2.55 -3.80 -8.28
CA PRO A 7 1.85 -5.09 -8.15
C PRO A 7 2.81 -6.23 -7.82
N SER A 8 2.27 -7.25 -7.17
CA SER A 8 3.03 -8.32 -6.54
C SER A 8 2.90 -9.65 -7.28
N GLY A 9 2.15 -9.69 -8.39
CA GLY A 9 1.81 -10.96 -9.00
C GLY A 9 3.02 -11.78 -9.44
N PHE A 10 4.02 -11.14 -10.06
CA PHE A 10 5.21 -11.89 -10.47
C PHE A 10 5.97 -12.45 -9.28
N VAL A 11 5.96 -11.75 -8.16
CA VAL A 11 6.73 -12.19 -7.00
C VAL A 11 6.02 -13.29 -6.26
N GLU A 12 4.68 -13.23 -6.18
CA GLU A 12 3.93 -14.20 -5.42
C GLU A 12 4.26 -15.63 -5.84
N LYS A 13 4.42 -15.86 -7.15
CA LYS A 13 4.71 -17.18 -7.68
C LYS A 13 6.07 -17.72 -7.22
N CYS A 14 6.94 -16.88 -6.66
CA CYS A 14 8.26 -17.33 -6.25
C CYS A 14 8.37 -17.62 -4.76
N VAL A 15 7.34 -17.31 -3.96
CA VAL A 15 7.41 -17.44 -2.51
C VAL A 15 7.19 -18.90 -2.13
N VAL A 16 8.03 -19.43 -1.25
CA VAL A 16 7.90 -20.79 -0.78
C VAL A 16 8.08 -20.82 0.74
N ARG A 17 7.69 -21.93 1.33
CA ARG A 17 7.87 -22.17 2.76
C ARG A 17 9.16 -22.95 2.94
N VAL A 18 10.04 -22.46 3.81
CA VAL A 18 11.28 -23.17 4.12
C VAL A 18 11.22 -23.60 5.59
N CYS A 19 11.22 -24.93 5.81
CA CYS A 19 11.28 -25.52 7.14
C CYS A 19 12.66 -26.14 7.32
N TYR A 20 13.29 -25.87 8.45
CA TYR A 20 14.48 -26.61 8.85
C TYR A 20 14.35 -26.98 10.32
N GLY A 21 14.26 -28.28 10.60
CA GLY A 21 14.18 -28.72 11.97
C GLY A 21 13.07 -27.98 12.68
N ASN A 22 13.39 -27.23 13.74
CA ASN A 22 12.37 -26.63 14.56
C ASN A 22 12.06 -25.17 14.18
N THR A 23 12.32 -24.76 12.93
CA THR A 23 12.05 -23.39 12.48
C THR A 23 11.36 -23.39 11.12
N VAL A 24 10.40 -22.49 10.94
CA VAL A 24 9.72 -22.31 9.65
C VAL A 24 9.85 -20.84 9.26
N LEU A 25 10.22 -20.57 8.01
CA LEU A 25 10.17 -19.20 7.50
C LEU A 25 9.94 -19.24 6.00
N ASN A 26 10.12 -18.12 5.32
CA ASN A 26 9.83 -18.04 3.89
C ASN A 26 11.11 -18.05 3.07
N GLY A 27 10.99 -18.59 1.84
CA GLY A 27 12.09 -18.56 0.90
C GLY A 27 11.63 -17.99 -0.43
N LEU A 28 12.61 -17.68 -1.27
CA LEU A 28 12.35 -17.14 -2.60
C LEU A 28 12.93 -18.11 -3.61
N TRP A 29 12.08 -18.68 -4.46
CA TRP A 29 12.46 -19.72 -5.42
C TRP A 29 12.61 -19.09 -6.80
N LEU A 30 13.85 -19.04 -7.30
CA LEU A 30 14.20 -18.51 -8.61
C LEU A 30 15.08 -19.51 -9.35
N GLY A 31 14.70 -19.91 -10.55
CA GLY A 31 15.49 -20.96 -11.20
C GLY A 31 15.42 -22.21 -10.35
N ASP A 32 16.57 -22.83 -10.03
CA ASP A 32 16.56 -23.99 -9.15
C ASP A 32 17.18 -23.67 -7.78
N ILE A 33 17.13 -22.41 -7.36
CA ILE A 33 17.68 -21.97 -6.09
C ILE A 33 16.55 -21.42 -5.22
N VAL A 34 16.55 -21.75 -3.93
CA VAL A 34 15.68 -21.12 -2.95
C VAL A 34 16.56 -20.27 -2.03
N TYR A 35 16.27 -18.98 -1.95
CA TYR A 35 17.01 -18.05 -1.09
C TYR A 35 16.26 -17.84 0.22
N CYS A 36 16.96 -17.92 1.34
CA CYS A 36 16.29 -17.68 2.63
C CYS A 36 17.33 -17.25 3.65
N PRO A 37 16.88 -16.73 4.79
CA PRO A 37 17.86 -16.36 5.85
C PRO A 37 18.55 -17.59 6.37
N ARG A 38 19.87 -17.46 6.62
CA ARG A 38 20.64 -18.58 7.16
C ARG A 38 20.27 -18.90 8.62
N HIS A 39 19.68 -17.97 9.35
CA HIS A 39 19.36 -18.27 10.75
C HIS A 39 18.29 -19.33 10.89
N VAL A 40 17.65 -19.74 9.79
CA VAL A 40 16.76 -20.91 9.80
C VAL A 40 17.47 -22.18 10.27
N ILE A 41 18.79 -22.27 10.13
CA ILE A 41 19.47 -23.49 10.56
C ILE A 41 20.04 -23.39 11.96
N ALA A 42 19.87 -22.24 12.63
CA ALA A 42 20.43 -22.09 13.97
C ALA A 42 19.68 -23.01 14.94
N SER A 43 20.42 -23.90 15.60
CA SER A 43 19.82 -24.91 16.47
C SER A 43 19.53 -24.40 17.87
N ASN A 44 19.96 -23.18 18.20
CA ASN A 44 19.80 -22.61 19.54
C ASN A 44 20.09 -21.12 19.43
N THR A 45 19.09 -20.29 19.66
CA THR A 45 19.22 -18.85 19.49
C THR A 45 19.27 -18.09 20.82
N THR A 46 19.64 -18.77 21.92
CA THR A 46 19.72 -18.15 23.25
C THR A 46 20.93 -17.25 23.41
N SER A 47 21.93 -17.39 22.55
CA SER A 47 23.24 -16.80 22.79
C SER A 47 23.96 -16.77 21.44
N ALA A 48 25.20 -16.30 21.46
CA ALA A 48 25.92 -16.05 20.22
C ALA A 48 25.95 -17.29 19.34
N ILE A 49 25.69 -17.11 18.05
CA ILE A 49 25.62 -18.20 17.09
C ILE A 49 26.94 -18.27 16.33
N ASP A 50 27.55 -19.46 16.31
CA ASP A 50 28.71 -19.74 15.47
C ASP A 50 28.19 -20.38 14.19
N TYR A 51 27.97 -19.55 13.16
CA TYR A 51 27.33 -20.05 11.95
C TYR A 51 28.21 -21.05 11.18
N ASP A 52 29.52 -20.97 11.33
CA ASP A 52 30.35 -22.03 10.75
C ASP A 52 30.03 -23.38 11.38
N HIS A 53 29.89 -23.42 12.71
CA HIS A 53 29.52 -24.67 13.37
C HIS A 53 28.12 -25.11 12.95
N GLU A 54 27.16 -24.18 12.97
CA GLU A 54 25.79 -24.54 12.57
C GLU A 54 25.77 -25.12 11.16
N TYR A 55 26.55 -24.53 10.25
CA TYR A 55 26.56 -25.01 8.89
C TYR A 55 27.24 -26.37 8.79
N SER A 56 28.27 -26.60 9.60
CA SER A 56 28.97 -27.88 9.53
C SER A 56 28.07 -29.02 9.98
N ILE A 57 27.19 -28.79 10.95
CA ILE A 57 26.31 -29.85 11.41
C ILE A 57 25.00 -29.92 10.63
N MET A 58 24.79 -29.02 9.69
CA MET A 58 23.53 -29.00 8.96
C MET A 58 23.37 -30.27 8.15
N ARG A 59 22.17 -30.84 8.18
CA ARG A 59 21.85 -32.05 7.40
C ARG A 59 20.72 -31.75 6.43
N LEU A 60 20.93 -32.07 5.15
CA LEU A 60 20.00 -31.67 4.10
C LEU A 60 18.63 -32.28 4.30
N HIS A 61 18.56 -33.45 4.93
CA HIS A 61 17.26 -34.09 5.05
C HIS A 61 16.40 -33.43 6.11
N ASN A 62 16.93 -32.47 6.86
CA ASN A 62 16.09 -31.75 7.81
C ASN A 62 15.35 -30.60 7.15
N PHE A 63 15.64 -30.30 5.88
CA PHE A 63 14.92 -29.27 5.14
C PHE A 63 13.61 -29.82 4.59
N SER A 64 12.57 -29.00 4.63
CA SER A 64 11.34 -29.23 3.87
C SER A 64 10.96 -27.93 3.16
N ILE A 65 10.85 -27.97 1.84
CA ILE A 65 10.51 -26.77 1.09
C ILE A 65 9.21 -27.03 0.33
N ILE A 66 8.22 -26.17 0.55
CA ILE A 66 6.88 -26.35 0.01
C ILE A 66 6.52 -25.15 -0.85
N SER A 67 6.12 -25.43 -2.11
CA SER A 67 5.60 -24.39 -3.00
C SER A 67 4.11 -24.65 -3.15
N GLY A 68 3.30 -23.76 -2.59
CA GLY A 68 1.88 -23.98 -2.47
C GLY A 68 1.56 -25.29 -1.77
N THR A 69 1.42 -26.35 -2.56
CA THR A 69 1.08 -27.66 -2.05
C THR A 69 2.13 -28.73 -2.36
N ALA A 70 3.18 -28.39 -3.10
CA ALA A 70 4.15 -29.37 -3.58
C ALA A 70 5.45 -29.27 -2.81
N PHE A 71 6.03 -30.42 -2.46
CA PHE A 71 7.35 -30.43 -1.85
C PHE A 71 8.41 -30.38 -2.92
N LEU A 72 9.43 -29.54 -2.72
CA LEU A 72 10.58 -29.52 -3.60
C LEU A 72 11.68 -30.40 -3.04
N GLY A 73 12.42 -31.05 -3.93
CA GLY A 73 13.49 -31.91 -3.49
C GLY A 73 14.78 -31.16 -3.30
N VAL A 74 15.24 -31.09 -2.05
CA VAL A 74 16.47 -30.38 -1.74
C VAL A 74 17.65 -31.27 -2.12
N VAL A 75 18.64 -30.69 -2.80
CA VAL A 75 19.83 -31.44 -3.18
C VAL A 75 21.11 -30.80 -2.69
N GLY A 76 21.08 -29.54 -2.24
CA GLY A 76 22.27 -28.93 -1.70
C GLY A 76 21.94 -27.58 -1.10
N ALA A 77 22.90 -27.05 -0.34
CA ALA A 77 22.71 -25.76 0.33
C ALA A 77 24.07 -25.18 0.68
N THR A 78 24.26 -23.91 0.34
CA THR A 78 25.51 -23.20 0.65
C THR A 78 25.18 -21.87 1.30
N MET A 79 26.11 -21.41 2.11
CA MET A 79 25.93 -20.22 2.92
C MET A 79 26.66 -19.05 2.26
N HIS A 80 25.99 -17.91 2.18
CA HIS A 80 26.54 -16.73 1.53
C HIS A 80 26.14 -15.54 2.38
N GLY A 81 27.10 -14.96 3.10
CA GLY A 81 26.75 -13.89 4.02
C GLY A 81 25.71 -14.40 5.01
N VAL A 82 24.62 -13.66 5.15
CA VAL A 82 23.56 -14.04 6.08
C VAL A 82 22.42 -14.79 5.37
N THR A 83 22.69 -15.34 4.19
CA THR A 83 21.67 -16.10 3.48
C THR A 83 22.16 -17.52 3.22
N LEU A 84 21.20 -18.40 2.91
CA LEU A 84 21.45 -19.69 2.31
C LEU A 84 20.98 -19.66 0.87
N LYS A 85 21.72 -20.32 -0.03
CA LYS A 85 21.21 -20.69 -1.34
C LYS A 85 20.96 -22.20 -1.32
N ILE A 86 19.69 -22.59 -1.37
CA ILE A 86 19.32 -23.99 -1.28
C ILE A 86 19.02 -24.47 -2.70
N LYS A 87 19.86 -25.35 -3.23
CA LYS A 87 19.63 -25.93 -4.55
C LYS A 87 18.55 -26.99 -4.44
N VAL A 88 17.52 -26.88 -5.28
CA VAL A 88 16.45 -27.85 -5.35
C VAL A 88 16.49 -28.47 -6.74
N SER A 89 15.84 -29.62 -6.89
CA SER A 89 15.90 -30.31 -8.16
C SER A 89 14.85 -29.82 -9.15
N GLN A 90 13.82 -29.12 -8.69
CA GLN A 90 12.82 -28.53 -9.56
C GLN A 90 13.20 -27.10 -9.92
N THR A 91 12.96 -26.73 -11.17
CA THR A 91 13.12 -25.34 -11.61
C THR A 91 11.78 -24.64 -11.56
N ASN A 92 11.76 -23.42 -11.02
CA ASN A 92 10.54 -22.62 -10.95
C ASN A 92 10.21 -22.10 -12.35
N MET A 93 9.21 -22.70 -12.99
CA MET A 93 8.87 -22.32 -14.35
C MET A 93 8.17 -20.96 -14.41
N HIS A 94 7.85 -20.37 -13.27
CA HIS A 94 7.32 -19.02 -13.20
C HIS A 94 8.37 -18.01 -12.74
N THR A 95 9.65 -18.36 -12.83
CA THR A 95 10.70 -17.39 -12.53
C THR A 95 10.53 -16.20 -13.46
N PRO A 96 10.33 -14.99 -12.94
CA PRO A 96 10.22 -13.82 -13.80
C PRO A 96 11.59 -13.31 -14.21
N ARG A 97 11.60 -12.53 -15.29
CA ARG A 97 12.79 -11.78 -15.63
C ARG A 97 13.22 -10.93 -14.44
N HIS A 98 14.49 -11.02 -14.06
CA HIS A 98 14.86 -10.42 -12.79
C HIS A 98 16.36 -10.15 -12.72
N SER A 99 16.73 -9.38 -11.69
CA SER A 99 18.11 -9.15 -11.31
C SER A 99 18.12 -8.94 -9.80
N PHE A 100 19.31 -8.76 -9.25
CA PHE A 100 19.47 -8.41 -7.85
C PHE A 100 20.11 -7.04 -7.75
N ARG A 101 19.64 -6.25 -6.80
CA ARG A 101 20.19 -4.92 -6.61
C ARG A 101 20.18 -4.59 -5.13
N THR A 102 21.22 -3.88 -4.67
CA THR A 102 21.32 -3.44 -3.29
C THR A 102 20.85 -1.98 -3.17
N LEU A 103 19.87 -1.76 -2.31
CA LEU A 103 19.30 -0.43 -2.12
C LEU A 103 20.33 0.53 -1.54
N LYS A 104 20.24 1.78 -1.97
CA LYS A 104 20.96 2.87 -1.33
C LYS A 104 20.06 3.58 -0.35
N SER A 105 20.67 4.44 0.46
CA SER A 105 19.94 5.23 1.44
C SER A 105 18.80 5.98 0.77
N GLY A 106 17.61 5.90 1.38
CA GLY A 106 16.47 6.65 0.89
C GLY A 106 15.69 6.00 -0.23
N GLU A 107 16.17 4.92 -0.83
CA GLU A 107 15.55 4.42 -2.05
C GLU A 107 14.25 3.67 -1.75
N GLY A 108 13.25 3.86 -2.63
CA GLY A 108 11.97 3.21 -2.47
C GLY A 108 11.95 1.80 -3.03
N PHE A 109 11.13 0.95 -2.44
CA PHE A 109 10.92 -0.41 -2.94
C PHE A 109 9.60 -0.90 -2.36
N ASN A 110 9.27 -2.16 -2.64
CA ASN A 110 8.02 -2.78 -2.23
C ASN A 110 8.33 -4.02 -1.38
N ILE A 111 7.59 -4.19 -0.29
CA ILE A 111 7.68 -5.38 0.54
C ILE A 111 6.46 -6.25 0.26
N LEU A 112 6.68 -7.52 -0.01
CA LEU A 112 5.63 -8.54 0.00
C LEU A 112 5.72 -9.29 1.32
N ALA A 113 4.77 -9.03 2.24
CA ALA A 113 4.81 -9.63 3.57
C ALA A 113 4.23 -11.03 3.50
N CYS A 114 5.04 -12.04 3.80
CA CYS A 114 4.66 -13.43 3.61
C CYS A 114 4.72 -14.21 4.92
N TYR A 115 3.83 -15.19 5.07
CA TYR A 115 3.80 -16.02 6.26
C TYR A 115 3.52 -17.45 5.81
N ASP A 116 4.31 -18.39 6.31
CA ASP A 116 4.12 -19.81 5.98
C ASP A 116 4.24 -20.07 4.48
N GLY A 117 5.08 -19.32 3.77
CA GLY A 117 5.21 -19.49 2.34
C GLY A 117 4.11 -18.85 1.51
N CYS A 118 3.31 -17.96 2.09
CA CYS A 118 2.19 -17.39 1.37
C CYS A 118 2.09 -15.87 1.62
N ALA A 119 1.97 -15.11 0.54
CA ALA A 119 1.89 -13.66 0.65
C ALA A 119 0.60 -13.23 1.34
N GLN A 120 0.72 -12.24 2.23
CA GLN A 120 -0.43 -11.72 2.97
C GLN A 120 -0.63 -10.23 2.81
N GLY A 121 0.41 -9.46 2.56
CA GLY A 121 0.24 -8.04 2.34
C GLY A 121 1.34 -7.50 1.44
N VAL A 122 1.10 -6.31 0.89
CA VAL A 122 2.10 -5.64 0.08
C VAL A 122 2.05 -4.13 0.33
N PHE A 123 3.23 -3.50 0.40
CA PHE A 123 3.25 -2.06 0.62
C PHE A 123 4.56 -1.48 0.10
N GLY A 124 4.52 -0.19 -0.27
CA GLY A 124 5.71 0.54 -0.62
C GLY A 124 6.38 1.11 0.62
N VAL A 125 7.72 1.17 0.60
CA VAL A 125 8.53 1.64 1.72
C VAL A 125 9.82 2.22 1.17
N ASN A 126 10.48 3.03 1.99
CA ASN A 126 11.81 3.56 1.67
C ASN A 126 12.83 3.00 2.64
N MET A 127 13.99 2.63 2.13
CA MET A 127 15.12 2.28 3.01
C MET A 127 15.54 3.56 3.72
N ARG A 128 15.48 3.55 5.05
CA ARG A 128 15.79 4.76 5.78
C ARG A 128 17.29 4.96 5.87
N THR A 129 17.71 6.18 6.25
CA THR A 129 19.12 6.51 6.34
C THR A 129 19.86 5.68 7.39
N ASN A 130 19.15 5.13 8.36
CA ASN A 130 19.76 4.25 9.36
C ASN A 130 19.67 2.78 8.97
N TRP A 131 19.31 2.49 7.72
CA TRP A 131 19.30 1.15 7.13
C TRP A 131 18.27 0.23 7.75
N THR A 132 17.21 0.78 8.32
CA THR A 132 16.07 -0.01 8.77
C THR A 132 14.84 0.46 8.02
N ILE A 133 13.74 -0.29 8.14
CA ILE A 133 12.46 0.14 7.63
C ILE A 133 11.41 -0.10 8.70
N ARG A 134 10.29 0.61 8.58
CA ARG A 134 9.16 0.36 9.47
C ARG A 134 8.25 -0.55 8.65
N GLY A 135 8.49 -1.85 8.80
CA GLY A 135 7.60 -2.86 8.26
C GLY A 135 6.46 -3.11 9.22
N SER A 136 5.65 -4.10 8.91
CA SER A 136 4.63 -4.50 9.86
C SER A 136 4.84 -5.93 10.33
N PHE A 137 6.06 -6.43 10.17
CA PHE A 137 6.32 -7.86 10.26
C PHE A 137 6.07 -8.38 11.66
N ILE A 138 5.46 -9.55 11.73
CA ILE A 138 5.41 -10.24 13.02
C ILE A 138 6.10 -11.58 12.82
N ASN A 139 6.10 -12.42 13.84
CA ASN A 139 6.85 -13.66 13.76
C ASN A 139 6.39 -14.50 12.58
N GLY A 140 7.36 -15.05 11.86
CA GLY A 140 7.10 -15.84 10.67
C GLY A 140 7.35 -15.11 9.37
N ALA A 141 7.62 -13.80 9.44
CA ALA A 141 7.81 -12.98 8.26
C ALA A 141 9.20 -13.13 7.62
N CYS A 142 10.15 -13.73 8.32
CA CYS A 142 11.52 -13.81 7.82
C CYS A 142 11.54 -14.47 6.45
N GLY A 143 12.40 -13.96 5.58
CA GLY A 143 12.44 -14.41 4.21
C GLY A 143 11.50 -13.67 3.27
N SER A 144 10.61 -12.83 3.79
CA SER A 144 9.72 -12.06 2.92
C SER A 144 10.55 -11.20 1.98
N PRO A 145 10.22 -11.14 0.69
CA PRO A 145 11.08 -10.41 -0.25
C PRO A 145 10.66 -8.97 -0.48
N GLY A 146 11.63 -8.09 -0.68
CA GLY A 146 11.40 -6.75 -1.17
C GLY A 146 11.89 -6.65 -2.62
N TYR A 147 11.18 -5.84 -3.43
CA TYR A 147 11.40 -5.82 -4.88
C TYR A 147 11.03 -4.47 -5.48
N ASN A 148 11.50 -4.26 -6.71
CA ASN A 148 11.09 -3.15 -7.56
C ASN A 148 10.85 -3.69 -8.96
N LEU A 149 9.87 -3.11 -9.65
CA LEU A 149 9.61 -3.43 -11.05
C LEU A 149 10.18 -2.30 -11.90
N LYS A 150 10.92 -2.66 -12.94
CA LYS A 150 11.66 -1.68 -13.73
C LYS A 150 11.89 -2.27 -15.11
N ASN A 151 11.37 -1.61 -16.14
CA ASN A 151 11.60 -2.02 -17.53
C ASN A 151 11.26 -3.50 -17.75
N GLY A 152 10.09 -3.92 -17.29
CA GLY A 152 9.68 -5.29 -17.49
C GLY A 152 10.45 -6.36 -16.72
N GLU A 153 11.22 -5.99 -15.69
CA GLU A 153 11.92 -6.99 -14.90
C GLU A 153 11.82 -6.67 -13.41
N VAL A 154 11.96 -7.73 -12.60
CA VAL A 154 11.82 -7.61 -11.14
C VAL A 154 13.22 -7.46 -10.57
N GLU A 155 13.50 -6.34 -9.90
CA GLU A 155 14.73 -6.21 -9.13
C GLU A 155 14.46 -6.67 -7.70
N PHE A 156 15.15 -7.72 -7.26
CA PHE A 156 15.02 -8.21 -5.89
C PHE A 156 16.06 -7.52 -5.02
N VAL A 157 15.59 -6.87 -3.95
CA VAL A 157 16.45 -5.95 -3.22
C VAL A 157 16.49 -6.19 -1.71
N TYR A 158 15.62 -7.06 -1.19
CA TYR A 158 15.53 -7.16 0.28
C TYR A 158 14.98 -8.52 0.68
N MET A 159 15.60 -9.13 1.69
CA MET A 159 15.12 -10.37 2.28
C MET A 159 14.98 -10.13 3.78
N HIS A 160 13.80 -10.37 4.33
CA HIS A 160 13.60 -9.94 5.72
C HIS A 160 14.30 -10.88 6.69
N GLN A 161 14.94 -10.30 7.71
CA GLN A 161 15.82 -11.05 8.60
C GLN A 161 15.49 -10.94 10.09
N ILE A 162 15.39 -9.72 10.64
CA ILE A 162 15.28 -9.50 12.08
C ILE A 162 14.46 -8.26 12.37
N GLU A 163 13.90 -8.21 13.59
CA GLU A 163 13.28 -7.02 14.15
C GLU A 163 14.16 -6.52 15.30
N LEU A 164 14.51 -5.24 15.27
CA LEU A 164 15.35 -4.69 16.33
C LEU A 164 14.50 -4.42 17.57
N GLY A 165 15.19 -4.18 18.69
CA GLY A 165 14.49 -3.95 19.94
C GLY A 165 13.55 -2.76 19.87
N SER A 166 13.88 -1.77 19.03
CA SER A 166 13.06 -0.59 18.78
C SER A 166 11.79 -0.86 17.99
N GLY A 167 11.63 -2.05 17.42
CA GLY A 167 10.54 -2.30 16.50
C GLY A 167 10.89 -2.11 15.03
N SER A 168 12.03 -1.51 14.71
CA SER A 168 12.44 -1.34 13.32
C SER A 168 12.88 -2.68 12.71
N HIS A 169 12.87 -2.73 11.37
CA HIS A 169 13.08 -3.99 10.67
C HIS A 169 14.33 -3.94 9.80
N VAL A 170 15.07 -5.04 9.80
CA VAL A 170 16.33 -5.13 9.08
C VAL A 170 16.30 -6.36 8.20
N GLY A 171 16.76 -6.20 6.97
CA GLY A 171 16.93 -7.31 6.07
C GLY A 171 18.28 -7.30 5.39
N SER A 172 18.48 -8.21 4.45
CA SER A 172 19.72 -8.30 3.69
C SER A 172 19.41 -8.22 2.21
N SER A 173 20.40 -7.79 1.43
CA SER A 173 20.36 -8.00 -0.01
C SER A 173 20.37 -9.50 -0.30
N PHE A 174 20.10 -9.85 -1.54
CA PHE A 174 20.15 -11.27 -1.86
C PHE A 174 21.58 -11.76 -2.10
N ASP A 175 22.57 -10.87 -2.04
CA ASP A 175 23.98 -11.26 -1.95
C ASP A 175 24.36 -11.74 -0.56
N GLY A 176 23.50 -11.55 0.43
CA GLY A 176 23.84 -11.92 1.79
C GLY A 176 24.45 -10.81 2.61
N VAL A 177 24.40 -9.57 2.15
CA VAL A 177 24.92 -8.43 2.89
C VAL A 177 23.77 -7.81 3.68
N MET A 178 23.87 -7.83 5.01
CA MET A 178 22.83 -7.22 5.83
C MET A 178 22.86 -5.70 5.67
N TYR A 179 21.69 -5.09 5.43
CA TYR A 179 21.63 -3.64 5.38
C TYR A 179 22.07 -3.06 6.72
N GLY A 180 22.89 -2.01 6.66
CA GLY A 180 23.37 -1.37 7.86
C GLY A 180 24.42 -2.11 8.64
N GLY A 181 24.86 -3.28 8.17
CA GLY A 181 25.86 -4.05 8.89
C GLY A 181 25.37 -4.76 10.14
N PHE A 182 24.06 -4.74 10.43
CA PHE A 182 23.55 -5.45 11.60
C PHE A 182 23.84 -6.95 11.49
N GLU A 183 23.89 -7.61 12.64
CA GLU A 183 24.20 -9.03 12.72
C GLU A 183 22.95 -9.86 12.91
N ASP A 184 22.96 -11.07 12.34
CA ASP A 184 21.92 -12.04 12.65
C ASP A 184 22.28 -12.81 13.92
N GLN A 185 22.35 -12.06 15.02
CA GLN A 185 22.68 -12.56 16.33
C GLN A 185 21.60 -12.14 17.32
N PRO A 186 21.41 -12.92 18.39
CA PRO A 186 20.29 -12.62 19.31
C PRO A 186 20.40 -11.33 20.12
N ASN A 187 21.57 -10.73 20.28
CA ASN A 187 21.67 -9.65 21.26
C ASN A 187 21.11 -8.32 20.74
N LEU A 188 20.89 -7.40 21.69
CA LEU A 188 20.34 -6.09 21.38
C LEU A 188 21.26 -5.31 20.46
N GLN A 189 20.70 -4.79 19.36
CA GLN A 189 21.40 -3.88 18.48
C GLN A 189 20.60 -2.60 18.33
N VAL A 190 21.30 -1.46 18.28
CA VAL A 190 20.65 -0.15 18.25
C VAL A 190 21.05 0.56 16.97
N GLU A 191 20.05 1.04 16.24
CA GLU A 191 20.25 1.74 14.99
C GLU A 191 20.57 3.22 15.23
N SER A 192 21.24 3.83 14.25
CA SER A 192 21.47 5.27 14.29
C SER A 192 20.14 6.01 14.24
N ALA A 193 20.19 7.29 14.57
CA ALA A 193 19.00 8.12 14.51
C ALA A 193 18.53 8.26 13.06
N ASN A 194 17.22 8.26 12.86
CA ASN A 194 16.66 8.42 11.53
C ASN A 194 16.80 9.88 11.07
N GLN A 195 16.87 10.07 9.76
CA GLN A 195 16.89 11.39 9.15
C GLN A 195 15.73 11.49 8.17
N MET A 196 15.00 12.61 8.22
CA MET A 196 13.98 12.86 7.22
C MET A 196 14.63 13.02 5.85
N LEU A 197 14.06 12.38 4.82
CA LEU A 197 14.62 12.42 3.47
C LEU A 197 14.21 13.74 2.79
N THR A 198 15.15 14.69 2.76
CA THR A 198 14.85 16.03 2.23
C THR A 198 14.36 15.98 0.80
N VAL A 199 15.02 15.19 -0.06
CA VAL A 199 14.64 15.16 -1.46
C VAL A 199 13.18 14.73 -1.59
N ASN A 200 12.72 13.82 -0.72
CA ASN A 200 11.32 13.40 -0.77
C ASN A 200 10.38 14.45 -0.23
N VAL A 201 10.81 15.23 0.77
CA VAL A 201 9.94 16.29 1.29
C VAL A 201 9.77 17.38 0.24
N VAL A 202 10.85 17.69 -0.49
CA VAL A 202 10.76 18.63 -1.60
C VAL A 202 9.72 18.14 -2.61
N ALA A 203 9.82 16.88 -3.02
CA ALA A 203 8.84 16.32 -3.95
C ALA A 203 7.44 16.41 -3.39
N PHE A 204 7.31 16.21 -2.08
CA PHE A 204 6.01 16.32 -1.43
C PHE A 204 5.42 17.72 -1.61
N LEU A 205 6.25 18.75 -1.44
CA LEU A 205 5.72 20.11 -1.54
C LEU A 205 5.42 20.49 -2.99
N TYR A 206 6.25 20.03 -3.93
CA TYR A 206 5.91 20.19 -5.35
C TYR A 206 4.55 19.59 -5.65
N ALA A 207 4.31 18.36 -5.18
CA ALA A 207 2.99 17.77 -5.30
C ALA A 207 1.93 18.68 -4.70
N ALA A 208 2.25 19.32 -3.59
CA ALA A 208 1.28 20.20 -2.93
C ALA A 208 0.93 21.39 -3.82
N ILE A 209 1.95 22.04 -4.37
CA ILE A 209 1.70 23.12 -5.32
C ILE A 209 0.79 22.63 -6.44
N LEU A 210 1.20 21.57 -7.13
CA LEU A 210 0.46 21.05 -8.27
C LEU A 210 -1.01 20.78 -7.96
N ASN A 211 -1.35 20.52 -6.70
CA ASN A 211 -2.73 20.33 -6.31
C ASN A 211 -3.36 21.61 -5.75
N GLY A 212 -2.68 22.73 -5.86
CA GLY A 212 -3.24 23.99 -5.41
C GLY A 212 -3.09 24.29 -3.94
N CYS A 213 -2.41 23.43 -3.19
CA CYS A 213 -2.16 23.70 -1.77
C CYS A 213 -0.91 24.56 -1.66
N THR A 214 -1.11 25.87 -1.42
CA THR A 214 -0.01 26.82 -1.48
C THR A 214 0.02 27.80 -0.31
N TRP A 215 -0.79 27.58 0.72
CA TRP A 215 -0.85 28.53 1.84
C TRP A 215 0.50 28.67 2.53
N TRP A 216 1.35 27.65 2.43
CA TRP A 216 2.66 27.65 3.07
C TRP A 216 3.74 28.27 2.20
N LEU A 217 3.49 28.46 0.91
CA LEU A 217 4.53 28.86 -0.03
C LEU A 217 4.81 30.35 0.10
N LYS A 218 6.09 30.71 0.16
CA LYS A 218 6.49 32.09 0.30
C LYS A 218 7.62 32.40 -0.68
N GLY A 219 7.86 33.68 -0.89
CA GLY A 219 8.79 34.11 -1.93
C GLY A 219 10.25 34.01 -1.56
N GLU A 220 10.55 33.80 -0.28
CA GLU A 220 11.94 33.82 0.18
C GLU A 220 12.62 32.51 -0.14
N LYS A 221 13.88 32.59 -0.52
CA LYS A 221 14.67 31.41 -0.83
C LYS A 221 15.72 31.21 0.24
N LEU A 222 16.03 29.94 0.48
CA LEU A 222 17.08 29.53 1.40
C LEU A 222 18.13 28.77 0.59
N PHE A 223 19.34 29.30 0.55
CA PHE A 223 20.37 28.72 -0.30
C PHE A 223 20.73 27.32 0.18
N VAL A 224 21.14 26.48 -0.77
CA VAL A 224 21.31 25.05 -0.50
C VAL A 224 22.32 24.84 0.63
N GLU A 225 23.50 25.44 0.52
CA GLU A 225 24.51 25.28 1.56
C GLU A 225 24.03 25.82 2.89
N HIS A 226 23.19 26.85 2.88
CA HIS A 226 22.61 27.33 4.13
C HIS A 226 21.58 26.34 4.67
N TYR A 227 20.82 25.69 3.79
CA TYR A 227 19.87 24.67 4.24
C TYR A 227 20.59 23.45 4.81
N ASN A 228 21.65 23.00 4.12
CA ASN A 228 22.36 21.80 4.53
C ASN A 228 22.94 21.97 5.93
N GLU A 229 23.43 23.16 6.25
CA GLU A 229 23.86 23.44 7.61
C GLU A 229 22.72 23.29 8.59
N TRP A 230 21.52 23.78 8.22
CA TRP A 230 20.36 23.61 9.08
C TRP A 230 19.97 22.13 9.19
N ALA A 231 20.03 21.40 8.08
CA ALA A 231 19.63 19.99 8.08
C ALA A 231 20.46 19.17 9.05
N GLN A 232 21.78 19.40 9.04
CA GLN A 232 22.70 18.61 9.85
C GLN A 232 22.38 18.70 11.34
N ALA A 233 21.76 19.79 11.78
CA ALA A 233 21.46 19.96 13.19
C ALA A 233 19.99 19.71 13.54
N ASN A 234 19.15 19.38 12.55
CA ASN A 234 17.71 19.24 12.78
C ASN A 234 17.14 17.93 12.23
N GLY A 235 17.99 16.96 11.93
CA GLY A 235 17.51 15.63 11.59
C GLY A 235 16.99 15.48 10.18
N PHE A 236 17.58 16.18 9.21
CA PHE A 236 17.22 16.06 7.80
C PHE A 236 18.47 15.74 7.00
N THR A 237 18.29 14.97 5.93
CA THR A 237 19.41 14.77 5.01
C THR A 237 19.73 16.06 4.27
N ALA A 238 20.91 16.09 3.68
CA ALA A 238 21.30 17.23 2.88
C ALA A 238 20.59 17.20 1.54
N MET A 239 20.52 18.38 0.90
CA MET A 239 19.94 18.48 -0.43
C MET A 239 21.01 18.20 -1.49
N ASN A 240 20.70 17.26 -2.38
CA ASN A 240 21.57 16.90 -3.49
C ASN A 240 20.71 16.71 -4.73
N GLY A 241 21.36 16.86 -5.89
CA GLY A 241 20.70 16.62 -7.16
C GLY A 241 19.53 17.54 -7.43
N GLU A 242 19.72 18.84 -7.22
CA GLU A 242 18.67 19.82 -7.49
C GLU A 242 18.23 19.79 -8.94
N ASP A 243 19.14 19.41 -9.86
CA ASP A 243 18.75 19.24 -11.26
C ASP A 243 17.61 18.26 -11.41
N ALA A 244 17.55 17.23 -10.56
CA ALA A 244 16.50 16.22 -10.68
C ALA A 244 15.11 16.84 -10.63
N PHE A 245 14.95 17.99 -9.98
CA PHE A 245 13.64 18.61 -9.80
C PHE A 245 13.23 19.51 -10.96
N SER A 246 14.01 19.59 -12.04
CA SER A 246 13.79 20.59 -13.08
C SER A 246 12.42 20.45 -13.72
N ILE A 247 11.99 19.23 -13.99
CA ILE A 247 10.68 19.00 -14.60
C ILE A 247 9.59 19.56 -13.69
N LEU A 248 9.76 19.42 -12.37
CA LEU A 248 8.76 19.91 -11.43
C LEU A 248 8.85 21.42 -11.25
N ALA A 249 10.08 21.96 -11.25
CA ALA A 249 10.25 23.40 -11.09
C ALA A 249 9.74 24.15 -12.31
N ALA A 250 9.98 23.60 -13.51
CA ALA A 250 9.44 24.19 -14.73
C ALA A 250 7.92 24.19 -14.71
N LYS A 251 7.31 23.06 -14.36
CA LYS A 251 5.85 22.96 -14.42
C LYS A 251 5.18 23.87 -13.38
N THR A 252 5.86 24.15 -12.26
CA THR A 252 5.29 24.98 -11.21
C THR A 252 5.79 26.41 -11.24
N GLY A 253 6.99 26.65 -11.77
CA GLY A 253 7.61 27.95 -11.65
C GLY A 253 8.14 28.28 -10.26
N VAL A 254 8.32 27.28 -9.40
CA VAL A 254 8.84 27.47 -8.05
C VAL A 254 10.20 26.77 -7.97
N CYS A 255 11.24 27.52 -7.59
CA CYS A 255 12.55 26.90 -7.48
C CYS A 255 12.65 26.08 -6.20
N VAL A 256 13.63 25.17 -6.19
CA VAL A 256 13.84 24.30 -5.04
C VAL A 256 14.10 25.10 -3.79
N GLU A 257 14.97 26.12 -3.89
CA GLU A 257 15.37 26.85 -2.71
C GLU A 257 14.20 27.52 -2.00
N ARG A 258 13.11 27.83 -2.71
CA ARG A 258 11.94 28.35 -2.02
C ARG A 258 11.25 27.26 -1.20
N LEU A 259 11.39 25.99 -1.60
CA LEU A 259 10.83 24.90 -0.83
C LEU A 259 11.74 24.51 0.33
N LEU A 260 13.06 24.63 0.16
CA LEU A 260 13.96 24.48 1.30
C LEU A 260 13.62 25.47 2.40
N HIS A 261 13.38 26.73 2.01
CA HIS A 261 12.93 27.72 2.96
C HIS A 261 11.66 27.25 3.67
N ALA A 262 10.71 26.67 2.94
CA ALA A 262 9.45 26.24 3.54
C ALA A 262 9.66 25.07 4.49
N ILE A 263 10.59 24.16 4.18
CA ILE A 263 10.88 23.05 5.07
C ILE A 263 11.33 23.56 6.43
N GLN A 264 12.33 24.45 6.43
CA GLN A 264 12.83 25.05 7.66
C GLN A 264 11.73 25.68 8.49
N VAL A 265 10.73 26.26 7.83
CA VAL A 265 9.62 26.88 8.54
C VAL A 265 8.59 25.83 8.96
N LEU A 266 8.16 24.99 8.02
CA LEU A 266 7.11 24.02 8.29
C LEU A 266 7.52 22.93 9.27
N ASN A 267 8.83 22.73 9.48
CA ASN A 267 9.27 21.75 10.44
C ASN A 267 8.76 22.06 11.86
N ASN A 268 8.65 23.36 12.19
CA ASN A 268 8.12 23.80 13.49
C ASN A 268 6.63 23.51 13.65
N GLY A 269 5.98 22.92 12.66
CA GLY A 269 4.58 22.57 12.78
C GLY A 269 3.67 23.30 11.79
N PHE A 270 2.50 22.70 11.52
CA PHE A 270 1.57 23.22 10.53
C PHE A 270 0.54 24.18 11.13
N GLY A 271 0.44 24.25 12.45
CA GLY A 271 -0.52 25.16 13.06
C GLY A 271 -1.96 24.85 12.73
N GLY A 272 -2.32 23.57 12.70
CA GLY A 272 -3.68 23.15 12.45
C GLY A 272 -4.05 22.98 11.00
N LYS A 273 -3.26 23.50 10.07
CA LYS A 273 -3.55 23.33 8.66
C LYS A 273 -3.02 21.98 8.16
N GLN A 274 -3.47 21.61 6.96
CA GLN A 274 -3.09 20.33 6.38
C GLN A 274 -2.56 20.52 4.97
N ILE A 275 -1.53 19.76 4.63
CA ILE A 275 -0.94 19.78 3.29
C ILE A 275 -1.22 18.43 2.67
N LEU A 276 -2.12 18.42 1.67
CA LEU A 276 -2.53 17.19 0.98
C LEU A 276 -3.11 16.16 1.94
N GLY A 277 -3.65 16.62 3.06
CA GLY A 277 -4.22 15.75 4.07
C GLY A 277 -3.26 15.27 5.13
N TYR A 278 -2.11 15.92 5.30
CA TYR A 278 -1.12 15.54 6.29
C TYR A 278 -0.92 16.69 7.26
N SER A 279 -0.66 16.35 8.52
CA SER A 279 -0.48 17.35 9.56
C SER A 279 1.00 17.62 9.86
N SER A 280 1.90 16.99 9.10
CA SER A 280 3.33 17.17 9.25
C SER A 280 3.99 16.78 7.94
N LEU A 281 5.19 17.33 7.70
CA LEU A 281 5.95 17.02 6.49
C LEU A 281 6.08 15.52 6.28
N ASN A 282 5.87 15.10 5.04
CA ASN A 282 5.89 13.69 4.66
C ASN A 282 7.08 13.44 3.77
N ASP A 283 7.86 12.39 4.06
CA ASP A 283 9.03 12.06 3.25
C ASP A 283 8.89 10.69 2.57
N GLU A 284 7.65 10.28 2.31
CA GLU A 284 7.40 8.96 1.73
C GLU A 284 7.56 8.92 0.21
N PHE A 285 7.41 10.05 -0.47
CA PHE A 285 7.26 10.06 -1.92
C PHE A 285 8.52 10.60 -2.59
N SER A 286 9.08 9.81 -3.49
CA SER A 286 10.20 10.25 -4.29
C SER A 286 9.72 11.15 -5.43
N ILE A 287 10.68 11.81 -6.07
CA ILE A 287 10.35 12.64 -7.22
C ILE A 287 9.68 11.80 -8.31
N ASN A 288 10.15 10.57 -8.53
CA ASN A 288 9.57 9.76 -9.59
C ASN A 288 8.13 9.36 -9.28
N GLU A 289 7.82 9.09 -8.01
CA GLU A 289 6.43 8.78 -7.64
C GLU A 289 5.52 9.97 -7.90
N VAL A 290 5.99 11.18 -7.57
CA VAL A 290 5.17 12.37 -7.74
C VAL A 290 4.89 12.60 -9.21
N VAL A 291 5.91 12.52 -10.08
CA VAL A 291 5.68 12.77 -11.49
C VAL A 291 4.82 11.66 -12.10
N LYS A 292 5.01 10.41 -11.66
CA LYS A 292 4.18 9.32 -12.17
C LYS A 292 2.72 9.51 -11.77
N GLN A 293 2.46 9.71 -10.48
CA GLN A 293 1.08 9.78 -10.01
C GLN A 293 0.35 10.99 -10.56
N MET A 294 1.06 12.08 -10.84
CA MET A 294 0.40 13.28 -11.33
C MET A 294 0.44 13.45 -12.84
N PHE A 295 1.29 12.69 -13.54
CA PHE A 295 1.46 12.86 -14.98
C PHE A 295 1.55 11.56 -15.76
N GLY A 296 1.78 10.41 -15.13
CA GLY A 296 1.97 9.19 -15.89
C GLY A 296 3.36 8.97 -16.47
N VAL A 297 4.35 9.77 -16.08
CA VAL A 297 5.73 9.65 -16.57
C VAL A 297 6.53 8.77 -15.62
N ASN A 298 7.39 7.93 -16.19
CA ASN A 298 8.26 7.08 -15.36
C ASN A 298 9.62 7.71 -15.10
N LEU B 1 2.29 0.39 12.85
CA LEU B 1 1.09 0.51 12.02
C LEU B 1 1.37 1.02 10.61
N ARG B 2 1.24 0.16 9.61
CA ARG B 2 1.46 0.57 8.24
C ARG B 2 0.26 0.22 7.39
N LYS B 3 -0.26 1.18 6.62
CA LYS B 3 -1.29 0.90 5.63
C LYS B 3 -0.75 -0.07 4.58
N MET B 4 -1.43 -1.19 4.41
CA MET B 4 -1.03 -2.23 3.47
C MET B 4 -2.19 -2.60 2.57
N ALA B 5 -1.88 -3.22 1.45
CA ALA B 5 -2.86 -3.82 0.57
C ALA B 5 -2.72 -5.34 0.65
N GLN B 6 -3.80 -6.03 0.32
CA GLN B 6 -3.65 -7.46 0.14
C GLN B 6 -3.06 -7.73 -1.25
N PRO B 7 -2.34 -8.84 -1.43
CA PRO B 7 -1.61 -9.05 -2.69
C PRO B 7 -2.54 -9.04 -3.90
N SER B 8 -1.98 -8.71 -5.06
CA SER B 8 -2.79 -8.40 -6.24
C SER B 8 -2.76 -9.48 -7.31
N GLY B 9 -1.99 -10.55 -7.11
CA GLY B 9 -1.78 -11.53 -8.16
C GLY B 9 -3.06 -12.12 -8.74
N PHE B 10 -4.03 -12.47 -7.88
CA PHE B 10 -5.24 -13.10 -8.40
C PHE B 10 -6.03 -12.15 -9.29
N VAL B 11 -5.97 -10.86 -9.00
CA VAL B 11 -6.76 -9.88 -9.73
C VAL B 11 -6.06 -9.41 -11.00
N GLU B 12 -4.73 -9.38 -11.00
CA GLU B 12 -4.00 -8.95 -12.19
C GLU B 12 -4.37 -9.77 -13.42
N LYS B 13 -4.59 -11.08 -13.23
CA LYS B 13 -4.92 -11.96 -14.34
C LYS B 13 -6.28 -11.64 -14.97
N CYS B 14 -7.08 -10.78 -14.32
CA CYS B 14 -8.43 -10.46 -14.77
C CYS B 14 -8.55 -9.10 -15.43
N VAL B 15 -7.51 -8.29 -15.40
CA VAL B 15 -7.59 -6.94 -15.95
C VAL B 15 -7.31 -7.00 -17.45
N VAL B 16 -8.16 -6.31 -18.22
CA VAL B 16 -8.02 -6.25 -19.68
C VAL B 16 -8.14 -4.79 -20.10
N ARG B 17 -7.68 -4.52 -21.32
CA ARG B 17 -7.78 -3.19 -21.89
C ARG B 17 -9.04 -3.14 -22.77
N VAL B 18 -9.96 -2.24 -22.46
CA VAL B 18 -11.17 -2.09 -23.26
C VAL B 18 -11.09 -0.76 -24.01
N CYS B 19 -11.23 -0.83 -25.34
CA CYS B 19 -11.27 0.36 -26.17
C CYS B 19 -12.58 0.39 -26.96
N TYR B 20 -13.26 1.52 -26.95
CA TYR B 20 -14.43 1.75 -27.80
C TYR B 20 -14.19 3.05 -28.54
N GLY B 21 -14.11 2.98 -29.86
CA GLY B 21 -13.73 4.15 -30.62
C GLY B 21 -12.36 4.64 -30.17
N ASN B 22 -12.33 5.84 -29.62
CA ASN B 22 -11.10 6.45 -29.14
C ASN B 22 -11.03 6.55 -27.62
N THR B 23 -12.01 6.00 -26.91
CA THR B 23 -11.95 5.91 -25.45
C THR B 23 -11.30 4.59 -25.04
N VAL B 24 -10.31 4.67 -24.14
CA VAL B 24 -9.62 3.50 -23.62
C VAL B 24 -9.77 3.48 -22.10
N LEU B 25 -10.18 2.34 -21.55
CA LEU B 25 -10.19 2.14 -20.10
C LEU B 25 -9.99 0.66 -19.80
N ASN B 26 -10.13 0.29 -18.52
CA ASN B 26 -9.85 -1.06 -18.06
C ASN B 26 -11.12 -1.87 -17.94
N GLY B 27 -11.01 -3.17 -18.19
CA GLY B 27 -12.11 -4.07 -17.99
C GLY B 27 -11.71 -5.15 -17.02
N LEU B 28 -12.69 -5.87 -16.45
CA LEU B 28 -12.48 -6.96 -15.53
C LEU B 28 -13.06 -8.22 -16.16
N TRP B 29 -12.20 -9.19 -16.45
CA TRP B 29 -12.57 -10.35 -17.27
C TRP B 29 -12.77 -11.56 -16.36
N LEU B 30 -14.01 -12.00 -16.21
CA LEU B 30 -14.38 -13.08 -15.30
C LEU B 30 -15.25 -14.06 -16.06
N GLY B 31 -14.89 -15.33 -16.07
CA GLY B 31 -15.64 -16.25 -16.93
C GLY B 31 -15.54 -15.78 -18.37
N ASP B 32 -16.69 -15.65 -19.04
CA ASP B 32 -16.75 -15.16 -20.42
C ASP B 32 -17.36 -13.76 -20.49
N ILE B 33 -17.21 -12.95 -19.43
CA ILE B 33 -17.78 -11.60 -19.39
C ILE B 33 -16.68 -10.62 -19.03
N VAL B 34 -16.67 -9.47 -19.72
CA VAL B 34 -15.82 -8.33 -19.37
C VAL B 34 -16.72 -7.22 -18.82
N TYR B 35 -16.48 -6.83 -17.56
CA TYR B 35 -17.18 -5.71 -16.91
C TYR B 35 -16.38 -4.43 -17.03
N CYS B 36 -17.06 -3.32 -17.35
CA CYS B 36 -16.40 -2.04 -17.47
C CYS B 36 -17.45 -0.94 -17.35
N PRO B 37 -17.02 0.31 -17.12
CA PRO B 37 -18.00 1.42 -17.04
C PRO B 37 -18.74 1.64 -18.34
N ARG B 38 -20.04 1.91 -18.23
CA ARG B 38 -20.80 2.11 -19.46
C ARG B 38 -20.44 3.43 -20.15
N HIS B 39 -19.80 4.38 -19.45
CA HIS B 39 -19.47 5.58 -20.21
C HIS B 39 -18.40 5.35 -21.28
N VAL B 40 -17.85 4.14 -21.39
CA VAL B 40 -16.94 3.86 -22.49
C VAL B 40 -17.62 4.04 -23.85
N ILE B 41 -18.96 3.89 -23.93
CA ILE B 41 -19.64 4.02 -25.21
C ILE B 41 -20.26 5.39 -25.43
N ALA B 42 -20.10 6.33 -24.50
CA ALA B 42 -20.73 7.64 -24.66
C ALA B 42 -20.00 8.43 -25.73
N SER B 43 -20.71 8.78 -26.81
CA SER B 43 -20.02 9.38 -27.94
C SER B 43 -19.64 10.83 -27.68
N ASN B 44 -20.35 11.54 -26.81
CA ASN B 44 -20.06 12.93 -26.49
C ASN B 44 -20.13 13.10 -24.98
N THR B 45 -18.99 13.42 -24.38
CA THR B 45 -18.87 13.53 -22.93
C THR B 45 -18.98 14.97 -22.44
N THR B 46 -19.33 15.90 -23.32
CA THR B 46 -19.34 17.31 -22.97
C THR B 46 -20.69 17.80 -22.48
N SER B 47 -21.73 16.97 -22.56
CA SER B 47 -23.06 17.40 -22.18
C SER B 47 -23.82 16.17 -21.69
N ALA B 48 -25.02 16.41 -21.18
CA ALA B 48 -25.86 15.34 -20.65
C ALA B 48 -25.88 14.16 -21.61
N ILE B 49 -25.81 12.95 -21.05
CA ILE B 49 -25.73 11.74 -21.85
C ILE B 49 -27.04 10.97 -21.70
N ASP B 50 -27.62 10.58 -22.84
CA ASP B 50 -28.79 9.71 -22.91
C ASP B 50 -28.27 8.30 -23.16
N TYR B 51 -28.05 7.54 -22.07
CA TYR B 51 -27.43 6.23 -22.23
C TYR B 51 -28.32 5.28 -23.01
N ASP B 52 -29.65 5.42 -22.90
CA ASP B 52 -30.50 4.59 -23.74
C ASP B 52 -30.21 4.86 -25.21
N HIS B 53 -30.02 6.13 -25.57
CA HIS B 53 -29.65 6.45 -26.93
C HIS B 53 -28.27 5.89 -27.27
N GLU B 54 -27.28 6.13 -26.41
CA GLU B 54 -25.94 5.65 -26.72
C GLU B 54 -25.92 4.12 -26.85
N TYR B 55 -26.67 3.42 -26.02
CA TYR B 55 -26.72 1.98 -26.15
C TYR B 55 -27.37 1.57 -27.48
N SER B 56 -28.38 2.32 -27.92
CA SER B 56 -29.06 1.97 -29.16
C SER B 56 -28.16 2.17 -30.38
N ILE B 57 -27.18 3.07 -30.34
CA ILE B 57 -26.32 3.30 -31.49
C ILE B 57 -24.97 2.62 -31.35
N MET B 58 -24.76 1.89 -30.26
CA MET B 58 -23.51 1.15 -30.06
C MET B 58 -23.28 0.16 -31.21
N ARG B 59 -22.07 0.15 -31.76
CA ARG B 59 -21.69 -0.81 -32.79
C ARG B 59 -20.55 -1.67 -32.25
N LEU B 60 -20.78 -2.98 -32.14
CA LEU B 60 -19.85 -3.83 -31.42
C LEU B 60 -18.50 -3.94 -32.12
N HIS B 61 -18.47 -3.78 -33.46
CA HIS B 61 -17.17 -3.78 -34.13
C HIS B 61 -16.28 -2.63 -33.66
N ASN B 62 -16.83 -1.62 -33.01
CA ASN B 62 -15.99 -0.56 -32.47
C ASN B 62 -15.23 -0.98 -31.22
N PHE B 63 -15.54 -2.13 -30.63
CA PHE B 63 -14.82 -2.56 -29.44
C PHE B 63 -13.51 -3.22 -29.82
N SER B 64 -12.45 -2.93 -29.04
CA SER B 64 -11.25 -3.76 -29.01
C SER B 64 -10.98 -4.14 -27.55
N ILE B 65 -10.84 -5.44 -27.28
CA ILE B 65 -10.55 -5.94 -25.93
C ILE B 65 -9.31 -6.82 -26.00
N ILE B 66 -8.27 -6.44 -25.26
CA ILE B 66 -6.99 -7.12 -25.27
C ILE B 66 -6.64 -7.58 -23.87
N SER B 67 -6.28 -8.85 -23.74
CA SER B 67 -5.72 -9.40 -22.49
C SER B 67 -4.25 -9.69 -22.77
N GLY B 68 -3.38 -8.91 -22.13
CA GLY B 68 -1.96 -9.04 -22.40
C GLY B 68 -1.68 -8.75 -23.86
N THR B 69 -1.59 -9.80 -24.67
CA THR B 69 -1.36 -9.64 -26.09
C THR B 69 -2.45 -10.29 -26.96
N ALA B 70 -3.40 -10.99 -26.35
CA ALA B 70 -4.47 -11.66 -27.09
C ALA B 70 -5.68 -10.74 -27.21
N PHE B 71 -6.31 -10.77 -28.39
CA PHE B 71 -7.59 -10.11 -28.59
C PHE B 71 -8.71 -11.05 -28.19
N LEU B 72 -9.70 -10.52 -27.47
CA LEU B 72 -10.92 -11.22 -27.12
C LEU B 72 -11.98 -10.91 -28.18
N GLY B 73 -12.88 -11.87 -28.40
CA GLY B 73 -13.89 -11.69 -29.42
C GLY B 73 -15.27 -11.36 -28.87
N VAL B 74 -15.75 -10.15 -29.14
CA VAL B 74 -17.02 -9.71 -28.59
C VAL B 74 -18.16 -10.42 -29.30
N VAL B 75 -19.07 -11.02 -28.54
CA VAL B 75 -20.27 -11.64 -29.10
C VAL B 75 -21.56 -10.92 -28.69
N GLY B 76 -21.54 -10.13 -27.63
CA GLY B 76 -22.71 -9.33 -27.27
C GLY B 76 -22.31 -8.33 -26.19
N ALA B 77 -23.24 -7.43 -25.89
CA ALA B 77 -23.04 -6.55 -24.74
C ALA B 77 -24.39 -6.10 -24.24
N THR B 78 -24.50 -5.97 -22.93
CA THR B 78 -25.71 -5.45 -22.30
C THR B 78 -25.32 -4.44 -21.23
N MET B 79 -26.28 -3.58 -20.90
CA MET B 79 -26.05 -2.47 -19.99
C MET B 79 -26.81 -2.75 -18.70
N HIS B 80 -26.14 -2.59 -17.56
CA HIS B 80 -26.72 -2.90 -16.26
C HIS B 80 -26.32 -1.78 -15.31
N GLY B 81 -27.27 -0.91 -14.98
CA GLY B 81 -26.91 0.28 -14.22
C GLY B 81 -25.84 1.06 -14.96
N VAL B 82 -24.75 1.38 -14.27
CA VAL B 82 -23.68 2.18 -14.84
C VAL B 82 -22.53 1.30 -15.36
N THR B 83 -22.80 0.03 -15.63
CA THR B 83 -21.78 -0.84 -16.21
C THR B 83 -22.28 -1.46 -17.50
N LEU B 84 -21.31 -1.99 -18.24
CA LEU B 84 -21.54 -2.85 -19.38
C LEU B 84 -21.04 -4.25 -19.06
N LYS B 85 -21.80 -5.27 -19.44
CA LYS B 85 -21.35 -6.65 -19.42
C LYS B 85 -21.09 -7.06 -20.87
N ILE B 86 -19.83 -7.23 -21.23
CA ILE B 86 -19.45 -7.52 -22.60
C ILE B 86 -19.16 -9.02 -22.70
N LYS B 87 -20.02 -9.73 -23.42
CA LYS B 87 -19.86 -11.17 -23.60
C LYS B 87 -18.82 -11.43 -24.68
N VAL B 88 -17.82 -12.25 -24.34
CA VAL B 88 -16.76 -12.60 -25.27
C VAL B 88 -16.79 -14.11 -25.49
N SER B 89 -16.18 -14.55 -26.60
CA SER B 89 -16.09 -15.99 -26.86
C SER B 89 -15.16 -16.68 -25.85
N GLN B 90 -14.15 -15.98 -25.35
CA GLN B 90 -13.09 -16.59 -24.56
C GLN B 90 -13.43 -16.55 -23.07
N THR B 91 -13.27 -17.69 -22.39
CA THR B 91 -13.37 -17.78 -20.94
C THR B 91 -12.01 -17.52 -20.32
N ASN B 92 -11.95 -16.62 -19.34
CA ASN B 92 -10.69 -16.36 -18.63
C ASN B 92 -10.33 -17.58 -17.80
N MET B 93 -9.28 -18.29 -18.20
CA MET B 93 -8.91 -19.51 -17.49
C MET B 93 -8.28 -19.23 -16.12
N HIS B 94 -7.94 -17.98 -15.84
CA HIS B 94 -7.43 -17.60 -14.54
C HIS B 94 -8.49 -16.93 -13.67
N THR B 95 -9.77 -17.11 -13.99
CA THR B 95 -10.83 -16.58 -13.15
C THR B 95 -10.70 -17.15 -11.74
N PRO B 96 -10.45 -16.35 -10.72
CA PRO B 96 -10.41 -16.90 -9.36
C PRO B 96 -11.80 -17.21 -8.85
N ARG B 97 -11.87 -18.01 -7.79
CA ARG B 97 -13.11 -18.12 -7.05
C ARG B 97 -13.45 -16.73 -6.51
N HIS B 98 -14.69 -16.28 -6.70
CA HIS B 98 -14.96 -14.87 -6.47
C HIS B 98 -16.43 -14.62 -6.21
N SER B 99 -16.72 -13.43 -5.69
CA SER B 99 -18.10 -12.96 -5.56
C SER B 99 -18.10 -11.44 -5.69
N PHE B 100 -19.29 -10.89 -5.90
CA PHE B 100 -19.46 -9.44 -5.89
C PHE B 100 -20.12 -9.03 -4.57
N ARG B 101 -19.55 -8.04 -3.91
CA ARG B 101 -20.09 -7.54 -2.66
C ARG B 101 -20.15 -6.02 -2.73
N THR B 102 -21.13 -5.46 -2.03
CA THR B 102 -21.31 -4.01 -1.96
C THR B 102 -20.76 -3.50 -0.64
N LEU B 103 -19.83 -2.54 -0.72
CA LEU B 103 -19.22 -1.98 0.47
C LEU B 103 -20.24 -1.26 1.35
N LYS B 104 -20.01 -1.30 2.64
CA LYS B 104 -20.72 -0.46 3.59
C LYS B 104 -19.88 0.76 3.92
N SER B 105 -20.53 1.77 4.48
CA SER B 105 -19.83 3.00 4.85
C SER B 105 -18.71 2.68 5.84
N GLY B 106 -17.52 3.20 5.56
CA GLY B 106 -16.38 2.96 6.40
C GLY B 106 -15.55 1.72 6.09
N GLU B 107 -15.98 0.87 5.15
CA GLU B 107 -15.32 -0.43 4.99
C GLU B 107 -14.03 -0.31 4.21
N GLY B 108 -13.04 -1.11 4.60
CA GLY B 108 -11.75 -1.10 3.96
C GLY B 108 -11.70 -2.07 2.79
N PHE B 109 -10.90 -1.72 1.79
CA PHE B 109 -10.70 -2.60 0.65
C PHE B 109 -9.42 -2.20 -0.05
N ASN B 110 -9.13 -2.86 -1.16
CA ASN B 110 -7.89 -2.66 -1.90
C ASN B 110 -8.21 -2.19 -3.30
N ILE B 111 -7.44 -1.24 -3.81
CA ILE B 111 -7.55 -0.82 -5.21
C ILE B 111 -6.35 -1.33 -5.99
N LEU B 112 -6.60 -1.94 -7.14
CA LEU B 112 -5.58 -2.20 -8.15
C LEU B 112 -5.70 -1.13 -9.22
N ALA B 113 -4.85 -0.12 -9.15
CA ALA B 113 -4.92 0.99 -10.09
C ALA B 113 -4.31 0.54 -11.40
N CYS B 114 -5.09 0.60 -12.48
CA CYS B 114 -4.70 0.08 -13.77
C CYS B 114 -4.82 1.17 -14.83
N TYR B 115 -4.02 1.01 -15.89
CA TYR B 115 -4.04 1.91 -17.04
C TYR B 115 -3.73 1.08 -18.25
N ASP B 116 -4.52 1.25 -19.31
CA ASP B 116 -4.29 0.57 -20.57
C ASP B 116 -4.42 -0.93 -20.44
N GLY B 117 -5.16 -1.38 -19.42
CA GLY B 117 -5.33 -2.79 -19.17
C GLY B 117 -4.22 -3.44 -18.38
N CYS B 118 -3.31 -2.66 -17.79
CA CYS B 118 -2.15 -3.17 -17.06
C CYS B 118 -2.12 -2.58 -15.66
N ALA B 119 -1.96 -3.42 -14.65
CA ALA B 119 -1.90 -2.94 -13.28
C ALA B 119 -0.60 -2.15 -13.06
N GLN B 120 -0.72 -1.01 -12.38
CA GLN B 120 0.43 -0.17 -12.07
C GLN B 120 0.67 0.02 -10.58
N GLY B 121 -0.34 -0.15 -9.74
CA GLY B 121 -0.15 0.08 -8.31
C GLY B 121 -1.29 -0.50 -7.51
N VAL B 122 -1.05 -0.68 -6.23
CA VAL B 122 -2.04 -1.31 -5.37
C VAL B 122 -1.96 -0.67 -3.99
N PHE B 123 -3.11 -0.34 -3.44
CA PHE B 123 -3.14 0.38 -2.16
C PHE B 123 -4.46 0.08 -1.44
N GLY B 124 -4.40 0.20 -0.12
CA GLY B 124 -5.58 0.06 0.71
C GLY B 124 -6.33 1.38 0.85
N VAL B 125 -7.65 1.30 0.80
CA VAL B 125 -8.53 2.45 0.98
C VAL B 125 -9.73 2.05 1.80
N ASN B 126 -10.41 3.07 2.32
CA ASN B 126 -11.70 2.94 3.00
C ASN B 126 -12.79 3.64 2.20
N MET B 127 -13.94 3.01 2.06
CA MET B 127 -15.12 3.71 1.57
C MET B 127 -15.55 4.74 2.62
N ARG B 128 -15.55 6.01 2.26
CA ARG B 128 -15.82 7.03 3.26
C ARG B 128 -17.32 7.21 3.46
N THR B 129 -17.68 7.87 4.58
CA THR B 129 -19.08 8.06 4.91
C THR B 129 -19.84 8.83 3.84
N ASN B 130 -19.15 9.64 3.03
CA ASN B 130 -19.81 10.31 1.92
C ASN B 130 -19.72 9.52 0.62
N TRP B 131 -19.33 8.24 0.69
CA TRP B 131 -19.39 7.32 -0.44
C TRP B 131 -18.41 7.69 -1.55
N THR B 132 -17.32 8.37 -1.18
CA THR B 132 -16.18 8.58 -2.06
C THR B 132 -14.96 7.93 -1.43
N ILE B 133 -13.93 7.73 -2.24
CA ILE B 133 -12.65 7.30 -1.70
C ILE B 133 -11.60 8.33 -2.06
N ARG B 134 -10.54 8.34 -1.25
CA ARG B 134 -9.36 9.16 -1.48
C ARG B 134 -8.39 8.31 -2.30
N GLY B 135 -8.57 8.37 -3.61
CA GLY B 135 -7.74 7.64 -4.54
C GLY B 135 -6.66 8.53 -5.13
N SER B 136 -5.91 7.94 -6.03
CA SER B 136 -4.89 8.69 -6.76
C SER B 136 -4.98 8.15 -8.18
N PHE B 137 -5.87 8.74 -8.97
CA PHE B 137 -6.13 8.25 -10.31
C PHE B 137 -5.94 9.39 -11.29
N ILE B 138 -5.46 9.07 -12.48
CA ILE B 138 -5.42 10.06 -13.54
C ILE B 138 -6.19 9.48 -14.71
N ASN B 139 -6.16 10.16 -15.84
CA ASN B 139 -6.98 9.71 -16.96
C ASN B 139 -6.58 8.30 -17.38
N GLY B 140 -7.58 7.47 -17.66
CA GLY B 140 -7.35 6.09 -18.02
C GLY B 140 -7.52 5.08 -16.89
N ALA B 141 -7.67 5.53 -15.65
CA ALA B 141 -7.83 4.61 -14.53
C ALA B 141 -9.22 3.98 -14.44
N CYS B 142 -10.19 4.47 -15.21
CA CYS B 142 -11.56 3.96 -15.10
C CYS B 142 -11.60 2.46 -15.34
N GLY B 143 -12.52 1.79 -14.65
CA GLY B 143 -12.55 0.35 -14.68
C GLY B 143 -11.55 -0.32 -13.78
N SER B 144 -10.68 0.41 -13.10
CA SER B 144 -9.75 -0.24 -12.14
C SER B 144 -10.55 -0.88 -11.02
N PRO B 145 -10.25 -2.12 -10.64
CA PRO B 145 -11.09 -2.82 -9.67
C PRO B 145 -10.62 -2.63 -8.24
N GLY B 146 -11.59 -2.65 -7.34
CA GLY B 146 -11.35 -2.75 -5.91
C GLY B 146 -11.78 -4.12 -5.42
N TYR B 147 -11.03 -4.68 -4.47
CA TYR B 147 -11.25 -6.06 -4.06
C TYR B 147 -10.86 -6.26 -2.60
N ASN B 148 -11.32 -7.37 -2.05
CA ASN B 148 -10.87 -7.93 -0.79
C ASN B 148 -10.64 -9.42 -0.99
N LEU B 149 -9.64 -9.97 -0.30
CA LEU B 149 -9.39 -11.41 -0.28
C LEU B 149 -9.90 -11.99 1.04
N LYS B 150 -10.84 -12.93 0.97
CA LYS B 150 -11.45 -13.51 2.16
C LYS B 150 -11.84 -14.95 1.91
N ASN B 151 -11.44 -15.83 2.83
CA ASN B 151 -11.96 -17.20 2.87
C ASN B 151 -11.62 -17.97 1.61
N GLY B 152 -10.46 -17.70 1.04
CA GLY B 152 -10.08 -18.34 -0.19
C GLY B 152 -10.75 -17.81 -1.45
N GLU B 153 -11.36 -16.63 -1.41
CA GLU B 153 -11.94 -16.09 -2.63
C GLU B 153 -11.70 -14.59 -2.73
N VAL B 154 -11.91 -14.06 -3.93
CA VAL B 154 -11.78 -12.62 -4.17
C VAL B 154 -13.18 -12.04 -4.11
N GLU B 155 -13.37 -11.01 -3.28
CA GLU B 155 -14.60 -10.23 -3.30
C GLU B 155 -14.36 -8.98 -4.14
N PHE B 156 -15.08 -8.85 -5.25
CA PHE B 156 -14.96 -7.66 -6.10
C PHE B 156 -16.01 -6.64 -5.67
N VAL B 157 -15.55 -5.44 -5.32
CA VAL B 157 -16.39 -4.49 -4.60
C VAL B 157 -16.45 -3.10 -5.24
N TYR B 158 -15.55 -2.80 -6.19
CA TYR B 158 -15.47 -1.42 -6.70
C TYR B 158 -14.98 -1.42 -8.14
N MET B 159 -15.64 -0.65 -9.00
CA MET B 159 -15.18 -0.39 -10.35
C MET B 159 -15.04 1.12 -10.50
N HIS B 160 -13.83 1.58 -10.81
CA HIS B 160 -13.60 3.03 -10.81
C HIS B 160 -14.32 3.70 -11.98
N GLN B 161 -15.00 4.82 -11.69
CA GLN B 161 -15.87 5.47 -12.67
C GLN B 161 -15.52 6.93 -12.94
N ILE B 162 -15.43 7.78 -11.91
CA ILE B 162 -15.29 9.22 -12.13
C ILE B 162 -14.48 9.84 -11.00
N GLU B 163 -13.95 11.03 -11.26
CA GLU B 163 -13.32 11.87 -10.25
C GLU B 163 -14.15 13.14 -10.11
N LEU B 164 -14.44 13.53 -8.88
CA LEU B 164 -15.27 14.70 -8.66
C LEU B 164 -14.45 15.98 -8.79
N GLY B 165 -15.16 17.11 -8.85
CA GLY B 165 -14.49 18.40 -8.87
C GLY B 165 -13.57 18.59 -7.68
N SER B 166 -13.92 18.03 -6.53
CA SER B 166 -13.12 18.11 -5.33
C SER B 166 -11.87 17.26 -5.37
N GLY B 167 -11.75 16.36 -6.35
CA GLY B 167 -10.65 15.41 -6.39
C GLY B 167 -10.95 14.06 -5.80
N SER B 168 -12.08 13.91 -5.09
CA SER B 168 -12.50 12.63 -4.57
C SER B 168 -12.92 11.69 -5.70
N HIS B 169 -12.88 10.40 -5.41
CA HIS B 169 -13.11 9.40 -6.43
C HIS B 169 -14.37 8.58 -6.15
N VAL B 170 -15.09 8.26 -7.22
CA VAL B 170 -16.39 7.63 -7.12
C VAL B 170 -16.37 6.41 -8.02
N GLY B 171 -16.91 5.30 -7.52
CA GLY B 171 -17.05 4.10 -8.32
C GLY B 171 -18.44 3.48 -8.17
N SER B 172 -18.60 2.34 -8.84
CA SER B 172 -19.81 1.54 -8.73
C SER B 172 -19.47 0.16 -8.21
N SER B 173 -20.49 -0.54 -7.73
CA SER B 173 -20.38 -1.98 -7.53
C SER B 173 -20.36 -2.66 -8.89
N PHE B 174 -20.01 -3.94 -8.93
CA PHE B 174 -20.05 -4.65 -10.19
C PHE B 174 -21.45 -5.09 -10.57
N ASP B 175 -22.41 -4.90 -9.67
CA ASP B 175 -23.81 -5.03 -10.07
C ASP B 175 -24.34 -3.75 -10.69
N GLY B 176 -23.50 -2.73 -10.89
CA GLY B 176 -23.91 -1.53 -11.62
C GLY B 176 -24.44 -0.38 -10.79
N VAL B 177 -24.35 -0.43 -9.47
CA VAL B 177 -24.90 0.62 -8.62
C VAL B 177 -23.76 1.57 -8.25
N MET B 178 -23.90 2.83 -8.58
CA MET B 178 -22.87 3.79 -8.22
C MET B 178 -22.89 4.04 -6.71
N TYR B 179 -21.72 3.95 -6.06
CA TYR B 179 -21.66 4.27 -4.64
C TYR B 179 -22.08 5.72 -4.46
N GLY B 180 -22.95 5.96 -3.49
CA GLY B 180 -23.40 7.30 -3.17
C GLY B 180 -24.47 7.87 -4.10
N GLY B 181 -24.91 7.12 -5.11
CA GLY B 181 -25.89 7.64 -6.04
C GLY B 181 -25.40 8.70 -6.99
N PHE B 182 -24.09 8.89 -7.10
CA PHE B 182 -23.58 9.85 -8.08
C PHE B 182 -23.89 9.34 -9.48
N GLU B 183 -23.94 10.27 -10.42
CA GLU B 183 -24.31 9.95 -11.80
C GLU B 183 -23.09 9.92 -12.69
N ASP B 184 -23.13 9.07 -13.71
CA ASP B 184 -22.09 9.07 -14.73
C ASP B 184 -22.45 10.07 -15.83
N GLN B 185 -22.55 11.33 -15.40
CA GLN B 185 -22.87 12.50 -16.21
C GLN B 185 -21.75 13.53 -16.06
N PRO B 186 -21.52 14.36 -17.06
CA PRO B 186 -20.40 15.31 -17.02
C PRO B 186 -20.64 16.56 -16.18
N ASN B 187 -21.73 16.69 -15.44
CA ASN B 187 -21.91 17.94 -14.71
C ASN B 187 -21.32 17.86 -13.30
N LEU B 188 -21.13 19.04 -12.72
CA LEU B 188 -20.54 19.12 -11.39
C LEU B 188 -21.45 18.44 -10.39
N GLN B 189 -20.89 17.55 -9.59
CA GLN B 189 -21.57 16.94 -8.47
C GLN B 189 -20.71 17.17 -7.24
N VAL B 190 -21.37 17.44 -6.11
CA VAL B 190 -20.68 17.73 -4.86
C VAL B 190 -21.04 16.64 -3.86
N GLU B 191 -20.03 16.06 -3.23
CA GLU B 191 -20.29 15.08 -2.19
C GLU B 191 -20.64 15.77 -0.88
N SER B 192 -21.30 15.03 0.00
CA SER B 192 -21.56 15.54 1.32
C SER B 192 -20.28 15.57 2.15
N ALA B 193 -20.38 16.16 3.34
CA ALA B 193 -19.21 16.34 4.18
C ALA B 193 -18.72 15.00 4.71
N ASN B 194 -17.40 14.80 4.64
CA ASN B 194 -16.82 13.60 5.19
C ASN B 194 -16.84 13.64 6.72
N GLN B 195 -16.98 12.48 7.35
CA GLN B 195 -16.87 12.37 8.80
C GLN B 195 -15.71 11.45 9.17
N MET B 196 -15.06 11.77 10.28
CA MET B 196 -14.05 10.89 10.84
C MET B 196 -14.69 9.60 11.34
N LEU B 197 -14.08 8.46 10.98
CA LEU B 197 -14.59 7.15 11.38
C LEU B 197 -14.19 6.86 12.83
N THR B 198 -15.14 6.99 13.76
CA THR B 198 -14.80 6.86 15.19
C THR B 198 -14.23 5.49 15.51
N VAL B 199 -14.87 4.41 15.03
CA VAL B 199 -14.38 3.07 15.36
C VAL B 199 -12.94 2.88 14.89
N ASN B 200 -12.55 3.50 13.77
CA ASN B 200 -11.16 3.41 13.33
C ASN B 200 -10.22 4.20 14.24
N VAL B 201 -10.64 5.40 14.67
CA VAL B 201 -9.80 6.18 15.59
C VAL B 201 -9.63 5.45 16.92
N VAL B 202 -10.67 4.75 17.36
CA VAL B 202 -10.56 3.94 18.58
C VAL B 202 -9.58 2.79 18.36
N ALA B 203 -9.69 2.10 17.21
CA ALA B 203 -8.71 1.08 16.87
C ALA B 203 -7.30 1.65 16.86
N PHE B 204 -7.14 2.85 16.30
CA PHE B 204 -5.85 3.51 16.25
C PHE B 204 -5.27 3.72 17.65
N LEU B 205 -6.09 4.24 18.56
CA LEU B 205 -5.63 4.50 19.92
C LEU B 205 -5.30 3.21 20.65
N TYR B 206 -6.07 2.14 20.42
CA TYR B 206 -5.71 0.85 21.00
C TYR B 206 -4.36 0.36 20.47
N ALA B 207 -4.10 0.56 19.18
CA ALA B 207 -2.79 0.21 18.62
C ALA B 207 -1.69 1.00 19.31
N ALA B 208 -1.97 2.27 19.63
CA ALA B 208 -1.00 3.07 20.36
C ALA B 208 -0.75 2.49 21.75
N ILE B 209 -1.82 2.17 22.47
CA ILE B 209 -1.67 1.54 23.78
C ILE B 209 -0.82 0.28 23.65
N LEU B 210 -1.19 -0.59 22.71
CA LEU B 210 -0.46 -1.83 22.52
C LEU B 210 1.01 -1.60 22.19
N ASN B 211 1.35 -0.40 21.71
CA ASN B 211 2.75 -0.06 21.44
C ASN B 211 3.34 0.85 22.52
N GLY B 212 2.77 0.81 23.73
CA GLY B 212 3.29 1.61 24.84
C GLY B 212 3.32 3.10 24.59
N CYS B 213 2.42 3.63 23.76
CA CYS B 213 2.32 5.05 23.48
C CYS B 213 1.04 5.57 24.14
N THR B 214 1.16 5.95 25.41
CA THR B 214 -0.01 6.24 26.23
C THR B 214 0.08 7.62 26.89
N TRP B 215 0.98 8.48 26.44
CA TRP B 215 1.10 9.81 27.03
C TRP B 215 -0.23 10.56 27.02
N TRP B 216 -1.10 10.23 26.07
CA TRP B 216 -2.38 10.90 25.89
C TRP B 216 -3.50 10.26 26.69
N LEU B 217 -3.25 9.11 27.31
CA LEU B 217 -4.32 8.35 27.95
C LEU B 217 -4.53 8.85 29.38
N LYS B 218 -5.77 9.18 29.71
CA LYS B 218 -6.16 9.67 31.02
C LYS B 218 -7.18 8.72 31.63
N GLY B 219 -7.65 9.07 32.82
CA GLY B 219 -8.47 8.15 33.58
C GLY B 219 -9.97 8.33 33.41
N GLU B 220 -10.39 9.50 32.93
CA GLU B 220 -11.81 9.79 32.85
C GLU B 220 -12.48 8.98 31.73
N LYS B 221 -13.68 8.49 32.03
CA LYS B 221 -14.52 7.81 31.06
C LYS B 221 -15.47 8.81 30.44
N LEU B 222 -15.84 8.56 29.18
CA LEU B 222 -16.86 9.34 28.50
C LEU B 222 -17.86 8.35 27.93
N PHE B 223 -19.09 8.40 28.42
CA PHE B 223 -20.07 7.39 28.04
C PHE B 223 -20.42 7.51 26.56
N VAL B 224 -20.78 6.38 25.96
CA VAL B 224 -21.05 6.31 24.52
C VAL B 224 -22.12 7.32 24.13
N GLU B 225 -23.18 7.42 24.94
CA GLU B 225 -24.27 8.31 24.59
C GLU B 225 -23.79 9.76 24.54
N HIS B 226 -22.88 10.13 25.44
CA HIS B 226 -22.40 11.51 25.49
C HIS B 226 -21.41 11.79 24.37
N TYR B 227 -20.47 10.87 24.14
CA TYR B 227 -19.60 10.97 22.96
C TYR B 227 -20.41 11.18 21.70
N ASN B 228 -21.49 10.41 21.55
CA ASN B 228 -22.23 10.43 20.30
C ASN B 228 -22.92 11.77 20.06
N GLU B 229 -23.41 12.42 21.13
CA GLU B 229 -23.96 13.76 20.97
C GLU B 229 -22.88 14.77 20.59
N TRP B 230 -21.66 14.59 21.11
CA TRP B 230 -20.55 15.43 20.67
C TRP B 230 -20.17 15.13 19.22
N ALA B 231 -20.17 13.86 18.84
CA ALA B 231 -19.68 13.48 17.52
C ALA B 231 -20.57 14.03 16.42
N GLN B 232 -21.89 14.00 16.62
CA GLN B 232 -22.82 14.42 15.58
C GLN B 232 -22.66 15.88 15.22
N ALA B 233 -22.06 16.68 16.13
CA ALA B 233 -21.88 18.10 15.90
C ALA B 233 -20.45 18.46 15.62
N ASN B 234 -19.54 17.48 15.57
CA ASN B 234 -18.14 17.77 15.42
C ASN B 234 -17.49 16.98 14.29
N GLY B 235 -18.28 16.44 13.37
CA GLY B 235 -17.72 15.79 12.19
C GLY B 235 -17.15 14.40 12.42
N PHE B 236 -17.63 13.69 13.43
CA PHE B 236 -17.25 12.30 13.70
C PHE B 236 -18.49 11.43 13.63
N THR B 237 -18.29 10.16 13.26
CA THR B 237 -19.39 9.20 13.26
C THR B 237 -19.71 8.74 14.69
N ALA B 238 -20.89 8.18 14.87
CA ALA B 238 -21.25 7.61 16.15
C ALA B 238 -20.44 6.36 16.45
N MET B 239 -20.23 6.08 17.73
CA MET B 239 -19.59 4.84 18.17
C MET B 239 -20.59 3.69 18.13
N ASN B 240 -20.18 2.58 17.51
CA ASN B 240 -21.02 1.39 17.36
C ASN B 240 -20.15 0.16 17.53
N GLY B 241 -20.80 -0.98 17.75
CA GLY B 241 -20.09 -2.25 17.76
C GLY B 241 -18.99 -2.35 18.78
N GLU B 242 -19.14 -1.68 19.92
CA GLU B 242 -18.14 -1.67 20.98
C GLU B 242 -17.84 -3.07 21.52
N ASP B 243 -18.59 -4.10 21.09
CA ASP B 243 -18.29 -5.45 21.54
C ASP B 243 -17.06 -6.02 20.85
N ALA B 244 -16.77 -5.59 19.61
CA ALA B 244 -15.54 -6.02 18.96
C ALA B 244 -14.32 -5.49 19.71
N PHE B 245 -14.44 -4.28 20.26
CA PHE B 245 -13.34 -3.72 21.04
C PHE B 245 -13.22 -4.35 22.42
N SER B 246 -14.19 -5.19 22.82
CA SER B 246 -14.12 -5.84 24.12
C SER B 246 -12.84 -6.64 24.27
N ILE B 247 -12.43 -7.35 23.21
CA ILE B 247 -11.20 -8.13 23.29
C ILE B 247 -10.00 -7.23 23.48
N LEU B 248 -10.02 -6.04 22.85
CA LEU B 248 -8.90 -5.13 23.04
C LEU B 248 -8.96 -4.44 24.40
N ALA B 249 -10.16 -4.11 24.86
CA ALA B 249 -10.32 -3.57 26.21
C ALA B 249 -9.81 -4.57 27.24
N ALA B 250 -10.26 -5.82 27.14
CA ALA B 250 -9.82 -6.87 28.05
C ALA B 250 -8.30 -7.06 27.97
N LYS B 251 -7.77 -7.23 26.76
CA LYS B 251 -6.34 -7.46 26.59
C LYS B 251 -5.50 -6.32 27.16
N THR B 252 -6.02 -5.10 27.09
CA THR B 252 -5.29 -3.88 27.39
C THR B 252 -5.57 -3.33 28.78
N GLY B 253 -6.75 -3.61 29.33
CA GLY B 253 -7.15 -3.03 30.59
C GLY B 253 -7.68 -1.63 30.50
N VAL B 254 -7.92 -1.12 29.28
CA VAL B 254 -8.34 0.26 29.08
C VAL B 254 -9.69 0.22 28.36
N CYS B 255 -10.74 0.70 29.02
CA CYS B 255 -12.07 0.58 28.46
C CYS B 255 -12.27 1.59 27.32
N VAL B 256 -13.27 1.30 26.47
CA VAL B 256 -13.53 2.13 25.31
C VAL B 256 -13.86 3.56 25.72
N GLU B 257 -14.49 3.73 26.87
CA GLU B 257 -14.91 5.06 27.31
C GLU B 257 -13.71 5.96 27.60
N ARG B 258 -12.56 5.39 27.99
CA ARG B 258 -11.39 6.25 28.14
C ARG B 258 -10.81 6.68 26.80
N LEU B 259 -11.09 5.94 25.73
CA LEU B 259 -10.59 6.35 24.42
C LEU B 259 -11.52 7.36 23.77
N LEU B 260 -12.83 7.19 23.93
CA LEU B 260 -13.76 8.22 23.50
C LEU B 260 -13.43 9.55 24.16
N HIS B 261 -13.18 9.53 25.47
CA HIS B 261 -12.75 10.74 26.15
C HIS B 261 -11.51 11.32 25.49
N ALA B 262 -10.54 10.47 25.17
CA ALA B 262 -9.32 10.95 24.52
C ALA B 262 -9.59 11.53 23.13
N ILE B 263 -10.53 10.94 22.38
CA ILE B 263 -10.82 11.48 21.06
C ILE B 263 -11.31 12.92 21.20
N GLN B 264 -12.22 13.15 22.14
CA GLN B 264 -12.76 14.48 22.34
C GLN B 264 -11.65 15.50 22.60
N VAL B 265 -10.68 15.17 23.44
CA VAL B 265 -9.65 16.15 23.75
C VAL B 265 -8.62 16.24 22.63
N LEU B 266 -8.18 15.10 22.09
CA LEU B 266 -7.11 15.10 21.10
C LEU B 266 -7.54 15.72 19.78
N ASN B 267 -8.84 15.79 19.51
CA ASN B 267 -9.31 16.43 18.29
C ASN B 267 -8.87 17.89 18.23
N ASN B 268 -8.69 18.52 19.39
CA ASN B 268 -8.27 19.91 19.48
C ASN B 268 -6.80 20.10 19.14
N GLY B 269 -6.06 19.02 18.90
CA GLY B 269 -4.64 19.13 18.62
C GLY B 269 -3.80 18.23 19.50
N PHE B 270 -2.61 17.84 19.01
CA PHE B 270 -1.74 16.94 19.74
C PHE B 270 -0.71 17.65 20.60
N GLY B 271 -0.72 18.99 20.61
CA GLY B 271 0.31 19.72 21.35
C GLY B 271 1.71 19.35 20.95
N GLY B 272 1.98 19.30 19.64
CA GLY B 272 3.31 19.03 19.13
C GLY B 272 3.80 17.61 19.26
N LYS B 273 3.13 16.75 20.03
CA LYS B 273 3.56 15.37 20.15
C LYS B 273 2.95 14.53 19.03
N GLN B 274 3.25 13.24 19.04
CA GLN B 274 2.80 12.30 18.02
C GLN B 274 2.29 11.03 18.67
N ILE B 275 1.45 10.30 17.93
CA ILE B 275 0.94 9.01 18.34
C ILE B 275 1.23 8.05 17.18
N LEU B 276 2.10 7.07 17.43
CA LEU B 276 2.52 6.14 16.39
C LEU B 276 3.06 6.89 15.17
N GLY B 277 3.63 8.08 15.39
CA GLY B 277 4.22 8.85 14.32
C GLY B 277 3.28 9.77 13.58
N TYR B 278 2.01 9.81 13.98
CA TYR B 278 1.04 10.69 13.35
C TYR B 278 0.89 11.94 14.20
N SER B 279 0.62 13.06 13.54
CA SER B 279 0.49 14.34 14.23
C SER B 279 -0.94 14.72 14.53
N SER B 280 -1.92 13.98 14.01
CA SER B 280 -3.31 14.18 14.38
C SER B 280 -3.99 12.82 14.37
N LEU B 281 -5.21 12.80 14.90
CA LEU B 281 -6.00 11.58 14.96
C LEU B 281 -6.11 10.95 13.58
N ASN B 282 -6.03 9.63 13.54
CA ASN B 282 -5.98 8.89 12.28
C ASN B 282 -7.13 7.90 12.21
N ASP B 283 -7.96 8.00 11.16
CA ASP B 283 -9.10 7.10 11.02
C ASP B 283 -8.93 6.11 9.86
N GLU B 284 -7.69 5.87 9.43
CA GLU B 284 -7.42 5.02 8.27
C GLU B 284 -7.45 3.52 8.56
N PHE B 285 -7.26 3.11 9.82
CA PHE B 285 -7.09 1.69 10.16
C PHE B 285 -8.30 1.17 10.93
N SER B 286 -8.89 0.09 10.44
CA SER B 286 -9.99 -0.55 11.15
C SER B 286 -9.45 -1.42 12.29
N ILE B 287 -10.37 -1.86 13.15
CA ILE B 287 -10.00 -2.84 14.18
C ILE B 287 -9.49 -4.12 13.54
N ASN B 288 -10.08 -4.51 12.41
CA ASN B 288 -9.61 -5.71 11.70
C ASN B 288 -8.15 -5.57 11.30
N GLU B 289 -7.80 -4.43 10.69
CA GLU B 289 -6.41 -4.20 10.29
C GLU B 289 -5.49 -4.25 11.48
N VAL B 290 -5.84 -3.54 12.56
CA VAL B 290 -4.96 -3.46 13.71
C VAL B 290 -4.70 -4.86 14.27
N VAL B 291 -5.75 -5.66 14.38
CA VAL B 291 -5.60 -7.00 14.94
C VAL B 291 -4.82 -7.90 14.00
N LYS B 292 -5.13 -7.85 12.70
CA LYS B 292 -4.38 -8.67 11.74
C LYS B 292 -2.90 -8.33 11.76
N GLN B 293 -2.56 -7.04 11.84
CA GLN B 293 -1.17 -6.62 11.70
C GLN B 293 -0.36 -6.85 12.95
N MET B 294 -0.97 -6.73 14.12
CA MET B 294 -0.20 -6.89 15.33
C MET B 294 -0.27 -8.29 15.90
N PHE B 295 -1.30 -9.06 15.55
CA PHE B 295 -1.51 -10.34 16.18
C PHE B 295 -1.81 -11.44 15.20
N GLY B 296 -1.83 -11.15 13.89
CA GLY B 296 -1.91 -12.15 12.87
C GLY B 296 -3.26 -12.82 12.69
N VAL B 297 -4.31 -12.26 13.28
CA VAL B 297 -5.62 -12.91 13.37
C VAL B 297 -6.61 -12.13 12.53
N ASN B 298 -7.47 -12.84 11.81
CA ASN B 298 -8.49 -12.24 10.93
C ASN B 298 -9.76 -11.85 11.69
C02 FHR C . 14.02 -11.31 16.06
C07 FHR C . 12.19 -8.74 21.62
C08 FHR C . 12.10 -7.51 20.81
C09 FHR C . 12.45 -7.55 19.35
C10 FHR C . 12.90 -8.91 18.70
C05 FHR C . 12.98 -10.07 19.45
C06 FHR C . 12.62 -10.03 20.99
C04 FHR C . 13.39 -11.10 18.61
C03 FHR C . 13.58 -10.56 17.35
N11 FHR C . 13.25 -9.21 17.40
O01 FHR C . 14.17 -10.70 15.06
N12 FHR C . 14.23 -12.76 16.10
C13 FHR C . 14.56 -13.45 14.86
C21 FHR C . 13.17 -13.75 14.33
O33 FHR C . 12.45 -14.44 14.94
C14 FHR C . 15.26 -14.76 15.14
C15 FHR C . 16.75 -14.78 14.67
C20 FHR C . 17.42 -13.44 14.95
C19 FHR C . 18.91 -13.54 14.56
C18 FHR C . 19.67 -14.51 15.46
C17 FHR C . 18.79 -15.58 16.12
C16 FHR C . 17.48 -15.93 15.36
O30 FHR C . 10.21 -9.13 12.09
C29 FHR C . 9.99 -9.77 13.06
N28 FHR C . 8.93 -9.43 14.21
C27 FHR C . 8.99 -10.39 15.09
C26 FHR C . 10.02 -11.60 14.50
C25 FHR C . 10.68 -11.14 13.49
C24 FHR C . 10.63 -12.17 12.27
C23 FHR C . 11.34 -13.48 12.62
N22 FHR C . 12.70 -13.17 13.07
C31 FHR C . 11.39 -14.36 11.39
O32 FHR C . 10.38 -14.90 11.05
C02 FHR D . -14.23 12.54 -15.00
C07 FHR D . -12.87 18.73 -14.43
C08 FHR D . -12.58 18.36 -13.04
C09 FHR D . -12.76 16.92 -12.59
C10 FHR D . -13.23 15.84 -13.63
C05 FHR D . -13.50 16.18 -14.95
C06 FHR D . -13.33 17.68 -15.42
C04 FHR D . -13.90 15.05 -15.62
C03 FHR D . -13.88 14.01 -14.70
N11 FHR D . -13.47 14.49 -13.48
O01 FHR D . -14.29 11.76 -14.10
N12 FHR D . -14.50 12.14 -16.38
C13 FHR D . -14.78 10.74 -16.64
C21 FHR D . -13.38 10.17 -16.77
O33 FHR D . -12.69 10.52 -17.64
C14 FHR D . -15.46 10.54 -17.96
C15 FHR D . -16.89 11.15 -17.92
C20 FHR D . -17.64 10.78 -19.19
C19 FHR D . -19.05 11.38 -19.18
C18 FHR D . -19.84 10.99 -17.92
C17 FHR D . -19.06 11.21 -16.61
C16 FHR D . -17.64 10.64 -16.68
O30 FHR D . -10.04 9.43 -11.82
C29 FHR D . -9.91 10.18 -12.73
N28 FHR D . -8.88 11.40 -12.84
C27 FHR D . -9.10 11.96 -14.01
C26 FHR D . -10.07 10.90 -14.93
C25 FHR D . -10.76 10.18 -14.09
C24 FHR D . -10.88 8.67 -14.62
C23 FHR D . -11.54 8.67 -16.01
N22 FHR D . -12.90 9.18 -15.82
C31 FHR D . -11.54 7.26 -16.57
O32 FHR D . -10.49 6.75 -16.84
#